data_8IYI
#
_entry.id   8IYI
#
_cell.length_a   65.252
_cell.length_b   98.180
_cell.length_c   102.134
_cell.angle_alpha   90.000
_cell.angle_beta   90.000
_cell.angle_gamma   90.000
#
_symmetry.space_group_name_H-M   'P 21 21 21'
#
loop_
_entity.id
_entity.type
_entity.pdbx_description
1 polymer KLLA0B09372p
2 water water
#
_entity_poly.entity_id   1
_entity_poly.type   'polypeptide(L)'
_entity_poly.pdbx_seq_one_letter_code
;MSELTHPTIVDGWFREISDTMWPGQAMTLRVEKILHHEKSKYQDVLVFKSTDYGNVLVLDNAIQVTERDEFSYQEMIAHL
ALNSHPNPKKVLVIGGGDGGVLREIVKHDSVQEAWLCDIDEAVIRVSKEYLPEMAKSYSHPKVKTHIGDGFQFLRDYQNT
FDVIITDSSDPEGPAASLFQQSYFELLNGALTEKGVISTQAESMWIHLPIIKELKKACKEVFPTVGYAYTTIPTYPTGQI
GFMVCSKDANVDVTKPLRSISEEEEEAKYRYYNKKVHEASFVLPTWVAKELDL
;
_entity_poly.pdbx_strand_id   A,B
#
# COMPACT_ATOMS: atom_id res chain seq x y z
N MET A 1 -3.78 39.88 7.34
CA MET A 1 -3.23 38.54 7.56
C MET A 1 -1.79 38.44 7.05
N SER A 2 -0.82 38.58 7.94
CA SER A 2 0.58 38.54 7.53
C SER A 2 1.12 37.12 7.35
N GLU A 3 0.38 36.10 7.80
CA GLU A 3 0.81 34.71 7.65
C GLU A 3 0.13 34.08 6.44
N LEU A 4 0.86 33.22 5.73
CA LEU A 4 0.27 32.51 4.59
C LEU A 4 -0.81 31.53 5.08
N THR A 5 -1.83 31.36 4.24
CA THR A 5 -3.04 30.64 4.56
C THR A 5 -3.42 29.79 3.35
N HIS A 6 -4.07 28.63 3.58
CA HIS A 6 -4.57 27.85 2.44
C HIS A 6 -5.80 27.05 2.83
N PRO A 7 -6.82 27.00 1.96
CA PRO A 7 -8.06 26.29 2.31
C PRO A 7 -7.87 24.82 2.64
N THR A 8 -6.82 24.17 2.14
CA THR A 8 -6.59 22.76 2.45
C THR A 8 -5.98 22.55 3.84
N ILE A 9 -5.50 23.61 4.47
CA ILE A 9 -4.81 23.51 5.74
C ILE A 9 -5.69 24.17 6.80
N VAL A 10 -6.16 23.37 7.74
CA VAL A 10 -7.04 23.84 8.82
C VAL A 10 -6.45 23.39 10.14
N ASP A 11 -6.31 24.33 11.08
CA ASP A 11 -5.80 24.04 12.43
C ASP A 11 -4.45 23.33 12.37
N GLY A 12 -3.61 23.72 11.42
CA GLY A 12 -2.28 23.18 11.34
C GLY A 12 -2.14 21.84 10.63
N TRP A 13 -3.21 21.35 9.98
CA TRP A 13 -3.14 20.09 9.26
C TRP A 13 -3.59 20.27 7.82
N PHE A 14 -2.79 19.75 6.88
CA PHE A 14 -3.21 19.62 5.49
C PHE A 14 -4.11 18.40 5.36
N ARG A 15 -5.26 18.56 4.68
CA ARG A 15 -6.21 17.47 4.45
C ARG A 15 -6.32 17.18 2.97
N GLU A 16 -6.17 15.92 2.59
CA GLU A 16 -6.23 15.47 1.20
C GLU A 16 -7.66 15.02 0.91
N ILE A 17 -8.48 15.90 0.33
CA ILE A 17 -9.92 15.69 0.25
C ILE A 17 -10.39 15.70 -1.20
N SER A 18 -11.31 14.78 -1.53
CA SER A 18 -12.03 14.86 -2.79
C SER A 18 -13.33 14.08 -2.64
N ASP A 19 -14.46 14.79 -2.59
CA ASP A 19 -15.74 14.12 -2.53
C ASP A 19 -16.03 13.32 -3.80
N THR A 20 -15.33 13.59 -4.88
CA THR A 20 -15.57 12.85 -6.12
CA THR A 20 -15.54 12.86 -6.13
C THR A 20 -14.62 11.66 -6.28
N MET A 21 -13.34 11.83 -5.96
CA MET A 21 -12.37 10.79 -6.31
C MET A 21 -11.98 9.87 -5.15
N TRP A 22 -12.11 10.29 -3.90
CA TRP A 22 -12.02 9.36 -2.77
C TRP A 22 -13.01 9.79 -1.70
N PRO A 23 -14.29 9.64 -1.97
CA PRO A 23 -15.32 10.14 -1.05
C PRO A 23 -15.24 9.46 0.31
N GLY A 24 -15.38 10.27 1.35
CA GLY A 24 -15.52 9.76 2.70
C GLY A 24 -14.22 9.43 3.40
N GLN A 25 -13.06 9.69 2.80
CA GLN A 25 -11.80 9.47 3.48
C GLN A 25 -10.86 10.62 3.15
N ALA A 26 -9.96 10.93 4.10
CA ALA A 26 -8.97 11.97 3.87
C ALA A 26 -7.72 11.69 4.70
N MET A 27 -6.62 11.46 4.01
CA MET A 27 -5.30 11.48 4.64
C MET A 27 -4.94 12.90 5.03
N THR A 28 -4.31 13.08 6.19
CA THR A 28 -3.92 14.41 6.64
C THR A 28 -2.47 14.41 7.10
N LEU A 29 -1.82 15.56 6.93
CA LEU A 29 -0.40 15.74 7.26
C LEU A 29 -0.25 16.98 8.13
N ARG A 30 0.52 16.86 9.20
CA ARG A 30 0.73 17.99 10.08
C ARG A 30 1.68 18.98 9.40
N VAL A 31 1.32 20.26 9.43
CA VAL A 31 2.07 21.30 8.72
C VAL A 31 2.99 22.00 9.69
N GLU A 32 4.26 22.14 9.32
CA GLU A 32 5.17 22.97 10.10
C GLU A 32 5.02 24.45 9.70
N LYS A 33 5.05 24.73 8.40
CA LYS A 33 4.96 26.10 7.90
C LYS A 33 4.57 26.07 6.43
N ILE A 34 3.68 26.98 6.04
CA ILE A 34 3.38 27.18 4.63
C ILE A 34 4.52 27.99 4.01
N LEU A 35 5.06 27.51 2.90
CA LEU A 35 6.23 28.14 2.28
C LEU A 35 5.90 29.00 1.08
N HIS A 36 4.90 28.61 0.28
CA HIS A 36 4.65 29.28 -0.99
C HIS A 36 3.23 28.97 -1.47
N HIS A 37 2.56 29.99 -2.01
CA HIS A 37 1.26 29.78 -2.62
C HIS A 37 1.12 30.78 -3.77
N GLU A 38 0.92 30.27 -4.97
CA GLU A 38 0.61 31.11 -6.11
C GLU A 38 -0.45 30.44 -6.95
N LYS A 39 -1.11 31.22 -7.78
CA LYS A 39 -2.04 30.71 -8.77
C LYS A 39 -1.41 30.95 -10.13
N SER A 40 -1.06 29.87 -10.83
CA SER A 40 -0.54 30.02 -12.16
C SER A 40 -1.70 30.23 -13.13
N LYS A 41 -1.39 30.35 -14.42
CA LYS A 41 -2.43 30.37 -15.43
C LYS A 41 -3.26 29.09 -15.43
N TYR A 42 -2.71 27.99 -14.92
CA TYR A 42 -3.36 26.70 -15.05
C TYR A 42 -3.77 26.04 -13.75
N GLN A 43 -3.16 26.40 -12.61
CA GLN A 43 -3.50 25.64 -11.41
C GLN A 43 -3.03 26.36 -10.17
N ASP A 44 -3.62 25.97 -9.05
CA ASP A 44 -3.20 26.44 -7.73
C ASP A 44 -1.95 25.67 -7.30
N VAL A 45 -0.93 26.39 -6.87
CA VAL A 45 0.38 25.81 -6.52
C VAL A 45 0.67 26.15 -5.06
N LEU A 46 0.73 25.11 -4.21
CA LEU A 46 0.98 25.28 -2.79
C LEU A 46 2.18 24.42 -2.37
N VAL A 47 3.06 25.00 -1.58
CA VAL A 47 4.19 24.28 -1.00
C VAL A 47 4.19 24.53 0.50
N PHE A 48 4.23 23.46 1.29
CA PHE A 48 4.41 23.61 2.72
C PHE A 48 5.47 22.65 3.22
N LYS A 49 6.10 23.04 4.32
CA LYS A 49 6.98 22.16 5.07
C LYS A 49 6.10 21.36 6.03
N SER A 50 6.02 20.05 5.81
CA SER A 50 5.36 19.21 6.79
C SER A 50 6.31 18.95 7.96
N THR A 51 5.74 18.54 9.10
CA THR A 51 6.57 18.23 10.25
C THR A 51 7.33 16.92 10.07
N ASP A 52 6.76 15.97 9.33
CA ASP A 52 7.34 14.64 9.31
C ASP A 52 7.63 14.09 7.92
N TYR A 53 7.21 14.76 6.85
CA TYR A 53 7.45 14.28 5.50
C TYR A 53 8.25 15.27 4.64
N GLY A 54 8.89 16.26 5.25
CA GLY A 54 9.64 17.23 4.48
C GLY A 54 8.73 18.18 3.72
N ASN A 55 9.27 18.78 2.66
CA ASN A 55 8.46 19.68 1.86
C ASN A 55 7.46 18.91 1.03
N VAL A 56 6.30 19.52 0.82
CA VAL A 56 5.15 18.93 0.15
C VAL A 56 4.66 19.88 -0.94
N LEU A 57 4.52 19.36 -2.16
CA LEU A 57 3.93 20.10 -3.27
C LEU A 57 2.50 19.65 -3.49
N VAL A 58 1.58 20.62 -3.56
CA VAL A 58 0.14 20.40 -3.70
C VAL A 58 -0.33 21.20 -4.90
N LEU A 59 -1.00 20.53 -5.84
CA LEU A 59 -1.47 21.18 -7.07
C LEU A 59 -2.97 21.03 -7.16
N ASP A 60 -3.67 22.17 -7.23
CA ASP A 60 -5.14 22.17 -7.24
C ASP A 60 -5.70 21.34 -6.08
N ASN A 61 -5.11 21.54 -4.89
CA ASN A 61 -5.55 20.95 -3.64
C ASN A 61 -5.25 19.45 -3.55
N ALA A 62 -4.55 18.89 -4.53
CA ALA A 62 -4.19 17.47 -4.51
C ALA A 62 -2.70 17.33 -4.26
N ILE A 63 -2.35 16.52 -3.26
CA ILE A 63 -0.93 16.28 -3.00
C ILE A 63 -0.28 15.66 -4.23
N GLN A 64 0.92 16.11 -4.56
CA GLN A 64 1.69 15.54 -5.65
C GLN A 64 2.89 14.77 -5.15
N VAL A 65 3.74 15.38 -4.32
CA VAL A 65 4.93 14.72 -3.79
C VAL A 65 5.22 15.25 -2.40
N THR A 66 5.83 14.41 -1.57
CA THR A 66 6.55 14.85 -0.38
C THR A 66 7.99 14.39 -0.55
N GLU A 67 8.92 15.16 0.04
CA GLU A 67 10.33 14.80 -0.08
C GLU A 67 10.63 13.43 0.51
N ARG A 68 9.89 13.04 1.55
CA ARG A 68 10.20 11.78 2.25
C ARG A 68 9.83 10.56 1.42
N ASP A 69 8.70 10.57 0.72
CA ASP A 69 8.23 9.34 0.06
C ASP A 69 8.12 9.43 -1.45
N GLU A 70 8.54 10.54 -2.07
CA GLU A 70 8.34 10.69 -3.51
C GLU A 70 9.05 9.60 -4.31
N PHE A 71 10.08 8.96 -3.76
CA PHE A 71 10.89 8.05 -4.56
C PHE A 71 10.11 6.82 -5.04
N SER A 72 9.08 6.40 -4.30
CA SER A 72 8.31 5.23 -4.70
C SER A 72 7.64 5.43 -6.05
N TYR A 73 6.88 6.53 -6.19
CA TYR A 73 6.22 6.85 -7.45
C TYR A 73 7.22 7.06 -8.58
N GLN A 74 8.26 7.89 -8.34
CA GLN A 74 9.16 8.24 -9.43
C GLN A 74 9.90 7.02 -9.94
N GLU A 75 10.42 6.20 -9.02
CA GLU A 75 11.14 5.00 -9.44
C GLU A 75 10.22 4.02 -10.17
N MET A 76 9.03 3.79 -9.65
CA MET A 76 8.20 2.74 -10.25
C MET A 76 7.68 3.19 -11.61
N ILE A 77 7.18 4.41 -11.73
CA ILE A 77 6.67 4.84 -13.02
C ILE A 77 7.78 4.89 -14.08
N ALA A 78 9.01 5.27 -13.68
CA ALA A 78 10.09 5.33 -14.66
C ALA A 78 10.67 3.95 -14.97
N HIS A 79 11.11 3.22 -13.95
CA HIS A 79 11.91 2.02 -14.24
C HIS A 79 11.06 0.85 -14.73
N LEU A 80 9.78 0.77 -14.35
CA LEU A 80 8.91 -0.24 -14.94
C LEU A 80 8.87 -0.09 -16.45
N ALA A 81 8.84 1.15 -16.93
CA ALA A 81 8.80 1.41 -18.37
C ALA A 81 10.18 1.25 -19.01
N LEU A 82 11.20 1.85 -18.40
CA LEU A 82 12.52 1.87 -19.05
C LEU A 82 13.08 0.47 -19.18
N ASN A 83 12.85 -0.36 -18.16
CA ASN A 83 13.36 -1.72 -18.20
C ASN A 83 12.48 -2.66 -18.99
N SER A 84 11.42 -2.15 -19.62
CA SER A 84 10.62 -2.89 -20.58
C SER A 84 11.02 -2.57 -22.02
N HIS A 85 12.02 -1.76 -22.22
CA HIS A 85 12.51 -1.49 -23.57
C HIS A 85 13.92 -2.05 -23.73
N PRO A 86 14.23 -2.65 -24.89
CA PRO A 86 15.54 -3.30 -25.04
C PRO A 86 16.73 -2.33 -25.02
N ASN A 87 16.54 -1.07 -25.37
CA ASN A 87 17.65 -0.13 -25.48
C ASN A 87 17.10 1.29 -25.66
N PRO A 88 16.52 1.87 -24.61
CA PRO A 88 15.84 3.17 -24.78
C PRO A 88 16.86 4.30 -24.84
N LYS A 89 16.82 5.06 -25.92
CA LYS A 89 17.78 6.14 -26.14
C LYS A 89 17.18 7.52 -25.99
N LYS A 90 15.95 7.71 -26.44
CA LYS A 90 15.23 8.97 -26.31
C LYS A 90 13.98 8.71 -25.48
N VAL A 91 13.80 9.49 -24.42
CA VAL A 91 12.71 9.29 -23.47
C VAL A 91 11.98 10.62 -23.28
N LEU A 92 10.66 10.56 -23.15
CA LEU A 92 9.86 11.75 -22.90
C LEU A 92 9.04 11.57 -21.63
N VAL A 93 8.98 12.59 -20.79
CA VAL A 93 8.02 12.64 -19.70
C VAL A 93 7.10 13.81 -19.96
N ILE A 94 5.78 13.55 -19.89
CA ILE A 94 4.76 14.58 -20.02
C ILE A 94 4.25 14.90 -18.62
N GLY A 95 4.43 16.15 -18.20
CA GLY A 95 3.90 16.62 -16.94
C GLY A 95 4.77 16.37 -15.73
N GLY A 96 6.06 16.11 -15.90
CA GLY A 96 6.89 15.77 -14.77
C GLY A 96 7.58 16.98 -14.19
N GLY A 97 6.80 18.01 -13.85
CA GLY A 97 7.39 19.29 -13.47
C GLY A 97 8.31 19.23 -12.27
N ASP A 98 8.04 18.33 -11.32
CA ASP A 98 8.90 18.28 -10.14
C ASP A 98 10.31 17.76 -10.44
N GLY A 99 10.54 17.17 -11.61
CA GLY A 99 11.85 16.68 -11.97
C GLY A 99 12.17 15.28 -11.47
N GLY A 100 11.28 14.68 -10.68
CA GLY A 100 11.58 13.39 -10.08
C GLY A 100 11.74 12.28 -11.10
N VAL A 101 10.83 12.22 -12.07
CA VAL A 101 10.90 11.16 -13.09
C VAL A 101 12.16 11.33 -13.93
N LEU A 102 12.49 12.57 -14.30
CA LEU A 102 13.74 12.83 -15.02
C LEU A 102 14.94 12.30 -14.25
N ARG A 103 14.95 12.51 -12.94
CA ARG A 103 16.06 12.04 -12.11
C ARG A 103 16.24 10.53 -12.25
N GLU A 104 15.13 9.79 -12.31
CA GLU A 104 15.23 8.34 -12.46
C GLU A 104 15.64 7.96 -13.88
N ILE A 105 15.13 8.68 -14.87
CA ILE A 105 15.41 8.34 -16.27
C ILE A 105 16.91 8.38 -16.53
N VAL A 106 17.58 9.44 -16.03
CA VAL A 106 18.98 9.63 -16.38
C VAL A 106 19.89 8.64 -15.68
N LYS A 107 19.37 7.75 -14.84
CA LYS A 107 20.21 6.71 -14.26
C LYS A 107 20.57 5.63 -15.27
N HIS A 108 19.86 5.56 -16.38
CA HIS A 108 20.06 4.51 -17.38
C HIS A 108 21.10 4.97 -18.39
N ASP A 109 22.17 4.18 -18.54
CA ASP A 109 23.26 4.50 -19.46
C ASP A 109 22.78 4.69 -20.89
N SER A 110 21.85 3.85 -21.33
CA SER A 110 21.46 3.88 -22.73
C SER A 110 20.76 5.18 -23.10
N VAL A 111 20.18 5.88 -22.14
CA VAL A 111 19.39 7.07 -22.45
C VAL A 111 20.35 8.18 -22.89
N GLN A 112 20.10 8.72 -24.08
CA GLN A 112 20.88 9.86 -24.57
C GLN A 112 20.20 11.19 -24.35
N GLU A 113 18.87 11.22 -24.43
CA GLU A 113 18.09 12.45 -24.29
C GLU A 113 16.88 12.13 -23.44
N ALA A 114 16.65 12.95 -22.42
CA ALA A 114 15.50 12.84 -21.51
C ALA A 114 14.73 14.15 -21.65
N TRP A 115 13.67 14.12 -22.45
CA TRP A 115 12.83 15.30 -22.68
C TRP A 115 11.73 15.38 -21.63
N LEU A 116 11.40 16.61 -21.24
CA LEU A 116 10.25 16.91 -20.42
C LEU A 116 9.36 17.88 -21.17
N CYS A 117 8.07 17.59 -21.21
CA CYS A 117 7.07 18.52 -21.76
C CYS A 117 6.07 18.85 -20.66
N ASP A 118 6.03 20.13 -20.25
CA ASP A 118 5.06 20.54 -19.22
C ASP A 118 4.42 21.85 -19.64
N ILE A 119 3.12 21.97 -19.37
CA ILE A 119 2.36 23.17 -19.72
C ILE A 119 2.67 24.36 -18.81
N ASP A 120 3.11 24.11 -17.56
CA ASP A 120 3.12 25.11 -16.49
C ASP A 120 4.55 25.33 -15.99
N GLU A 121 5.19 26.41 -16.48
CA GLU A 121 6.50 26.81 -15.99
C GLU A 121 6.52 26.96 -14.47
N ALA A 122 5.38 27.30 -13.87
CA ALA A 122 5.35 27.55 -12.44
C ALA A 122 5.79 26.32 -11.65
N VAL A 123 5.34 25.14 -12.05
CA VAL A 123 5.68 23.95 -11.29
C VAL A 123 7.19 23.71 -11.31
N ILE A 124 7.81 23.86 -12.48
CA ILE A 124 9.25 23.69 -12.59
C ILE A 124 9.98 24.69 -11.70
N ARG A 125 9.59 25.96 -11.79
CA ARG A 125 10.24 26.99 -10.99
C ARG A 125 10.10 26.71 -9.50
N VAL A 126 8.89 26.35 -9.06
CA VAL A 126 8.68 26.11 -7.64
C VAL A 126 9.43 24.85 -7.19
N SER A 127 9.45 23.82 -8.04
CA SER A 127 10.14 22.60 -7.69
C SER A 127 11.64 22.82 -7.54
N LYS A 128 12.24 23.66 -8.40
CA LYS A 128 13.66 23.93 -8.27
C LYS A 128 13.98 24.59 -6.94
N GLU A 129 13.07 25.41 -6.41
CA GLU A 129 13.33 26.08 -5.15
C GLU A 129 13.06 25.16 -3.95
N TYR A 130 11.98 24.37 -4.00
CA TYR A 130 11.52 23.68 -2.80
C TYR A 130 11.68 22.16 -2.83
N LEU A 131 11.99 21.57 -3.97
CA LEU A 131 12.19 20.12 -4.08
C LEU A 131 13.56 19.82 -4.68
N PRO A 132 14.65 20.23 -4.00
CA PRO A 132 15.97 20.16 -4.63
C PRO A 132 16.42 18.74 -4.98
N GLU A 133 16.05 17.74 -4.19
CA GLU A 133 16.48 16.38 -4.49
C GLU A 133 15.71 15.75 -5.64
N MET A 134 14.67 16.41 -6.12
CA MET A 134 13.97 16.03 -7.34
C MET A 134 14.40 16.88 -8.53
N ALA A 135 14.35 18.21 -8.38
CA ALA A 135 14.63 19.14 -9.48
C ALA A 135 16.11 19.28 -9.80
N LYS A 136 17.00 18.62 -9.05
CA LYS A 136 18.39 18.56 -9.46
C LYS A 136 18.54 17.95 -10.85
N SER A 137 17.56 17.18 -11.29
CA SER A 137 17.62 16.56 -12.62
C SER A 137 17.64 17.59 -13.73
N TYR A 138 17.12 18.79 -13.49
CA TYR A 138 17.05 19.78 -14.57
C TYR A 138 18.42 20.22 -15.04
N SER A 139 19.46 20.05 -14.22
CA SER A 139 20.81 20.39 -14.61
C SER A 139 21.58 19.22 -15.20
N HIS A 140 20.90 18.10 -15.48
CA HIS A 140 21.62 16.98 -16.07
C HIS A 140 21.80 17.21 -17.56
N PRO A 141 22.98 16.92 -18.11
CA PRO A 141 23.22 17.18 -19.53
C PRO A 141 22.28 16.45 -20.46
N LYS A 142 21.72 15.31 -20.05
CA LYS A 142 20.81 14.61 -20.95
C LYS A 142 19.45 15.27 -21.05
N VAL A 143 19.12 16.16 -20.12
CA VAL A 143 17.75 16.65 -19.97
C VAL A 143 17.51 17.82 -20.91
N LYS A 144 16.37 17.79 -21.61
CA LYS A 144 15.87 18.89 -22.41
C LYS A 144 14.44 19.18 -21.99
N THR A 145 14.08 20.45 -21.85
CA THR A 145 12.74 20.81 -21.42
C THR A 145 12.02 21.58 -22.52
N HIS A 146 10.73 21.29 -22.67
CA HIS A 146 9.85 22.02 -23.57
C HIS A 146 8.64 22.48 -22.78
N ILE A 147 8.42 23.78 -22.75
CA ILE A 147 7.24 24.35 -22.09
C ILE A 147 6.13 24.45 -23.13
N GLY A 148 5.04 23.73 -22.90
CA GLY A 148 3.98 23.66 -23.87
C GLY A 148 3.09 22.47 -23.60
N ASP A 149 2.03 22.38 -24.39
CA ASP A 149 1.02 21.34 -24.24
C ASP A 149 1.49 20.06 -24.94
N GLY A 150 1.27 18.91 -24.30
CA GLY A 150 1.86 17.67 -24.76
C GLY A 150 1.28 17.16 -26.07
N PHE A 151 0.02 17.49 -26.36
CA PHE A 151 -0.55 17.09 -27.64
C PHE A 151 0.23 17.66 -28.82
N GLN A 152 0.45 18.98 -28.84
CA GLN A 152 1.19 19.53 -29.98
C GLN A 152 2.62 19.01 -30.01
N PHE A 153 3.21 18.73 -28.84
CA PHE A 153 4.56 18.15 -28.80
C PHE A 153 4.57 16.76 -29.42
N LEU A 154 3.62 15.90 -29.03
CA LEU A 154 3.58 14.54 -29.53
C LEU A 154 3.28 14.50 -31.03
N ARG A 155 2.39 15.38 -31.48
CA ARG A 155 2.09 15.42 -32.91
C ARG A 155 3.31 15.85 -33.72
N ASP A 156 4.20 16.64 -33.14
CA ASP A 156 5.37 17.11 -33.86
C ASP A 156 6.53 16.12 -33.85
N TYR A 157 6.49 15.07 -33.03
CA TYR A 157 7.62 14.16 -32.85
C TYR A 157 7.18 12.71 -33.02
N GLN A 158 6.71 12.36 -34.22
CA GLN A 158 6.29 10.99 -34.48
C GLN A 158 7.49 10.06 -34.62
N ASN A 159 7.30 8.80 -34.21
CA ASN A 159 8.33 7.76 -34.36
C ASN A 159 9.66 8.20 -33.74
N THR A 160 9.58 8.84 -32.59
CA THR A 160 10.76 9.49 -32.02
C THR A 160 11.20 8.92 -30.68
N PHE A 161 10.26 8.58 -29.81
CA PHE A 161 10.57 8.26 -28.42
C PHE A 161 10.49 6.76 -28.18
N ASP A 162 11.50 6.22 -27.51
CA ASP A 162 11.48 4.81 -27.12
C ASP A 162 10.59 4.56 -25.91
N VAL A 163 10.52 5.51 -24.99
CA VAL A 163 9.67 5.43 -23.80
C VAL A 163 9.01 6.79 -23.59
N ILE A 164 7.72 6.78 -23.29
CA ILE A 164 6.99 7.99 -22.92
C ILE A 164 6.29 7.72 -21.59
N ILE A 165 6.59 8.56 -20.61
CA ILE A 165 5.99 8.47 -19.28
C ILE A 165 5.05 9.65 -19.11
N THR A 166 3.81 9.36 -18.76
CA THR A 166 2.80 10.39 -18.49
C THR A 166 2.60 10.49 -16.98
N ASP A 167 2.98 11.64 -16.43
CA ASP A 167 2.96 11.94 -15.00
C ASP A 167 2.19 13.25 -14.82
N SER A 168 0.87 13.21 -14.96
CA SER A 168 0.11 14.45 -14.80
C SER A 168 -0.24 14.68 -13.33
N SER A 169 -0.57 15.94 -13.02
CA SER A 169 -0.90 16.30 -11.64
C SER A 169 -2.11 15.54 -11.11
N ASP A 170 -2.78 14.78 -11.97
CA ASP A 170 -3.84 13.86 -11.60
C ASP A 170 -3.94 12.80 -12.68
N PRO A 171 -4.44 11.60 -12.36
CA PRO A 171 -4.41 10.50 -13.34
C PRO A 171 -5.27 10.74 -14.58
N GLU A 172 -5.34 11.99 -15.05
CA GLU A 172 -6.47 12.42 -15.85
C GLU A 172 -7.73 11.79 -15.28
N GLY A 173 -8.16 12.24 -14.11
CA GLY A 173 -7.57 13.36 -13.40
C GLY A 173 -8.06 13.40 -11.97
N ALA A 176 -11.02 16.77 -17.02
CA ALA A 176 -9.73 16.64 -17.70
C ALA A 176 -9.24 15.21 -17.68
N SER A 177 -10.16 14.27 -17.90
CA SER A 177 -9.82 12.85 -18.01
C SER A 177 -9.65 12.46 -19.48
N LEU A 178 -8.65 13.07 -20.09
CA LEU A 178 -8.34 12.80 -21.49
C LEU A 178 -7.39 11.60 -21.60
N PHE A 179 -7.84 10.46 -21.09
CA PHE A 179 -7.18 9.19 -21.36
C PHE A 179 -8.05 8.28 -22.24
N GLN A 180 -8.74 8.90 -23.19
CA GLN A 180 -9.47 8.12 -24.19
C GLN A 180 -8.50 7.31 -25.04
N GLN A 181 -9.08 6.43 -25.87
CA GLN A 181 -8.27 5.66 -26.81
C GLN A 181 -7.45 6.58 -27.73
N SER A 182 -7.97 7.78 -28.01
CA SER A 182 -7.27 8.70 -28.90
C SER A 182 -5.99 9.23 -28.28
N TYR A 183 -5.95 9.43 -26.96
CA TYR A 183 -4.69 9.81 -26.33
C TYR A 183 -3.65 8.70 -26.49
N PHE A 184 -4.08 7.45 -26.33
CA PHE A 184 -3.11 6.36 -26.48
C PHE A 184 -2.71 6.17 -27.94
N GLU A 185 -3.60 6.46 -28.88
CA GLU A 185 -3.20 6.42 -30.29
C GLU A 185 -2.15 7.48 -30.58
N LEU A 186 -2.33 8.68 -30.04
CA LEU A 186 -1.34 9.74 -30.20
C LEU A 186 0.03 9.32 -29.65
N LEU A 187 0.04 8.73 -28.44
CA LEU A 187 1.29 8.22 -27.89
C LEU A 187 1.89 7.14 -28.77
N ASN A 188 1.05 6.22 -29.26
CA ASN A 188 1.52 5.14 -30.13
C ASN A 188 2.30 5.68 -31.33
N GLY A 189 1.84 6.78 -31.92
CA GLY A 189 2.51 7.33 -33.08
C GLY A 189 3.82 8.03 -32.77
N ALA A 190 3.91 8.64 -31.58
CA ALA A 190 5.15 9.29 -31.15
C ALA A 190 6.23 8.29 -30.76
N LEU A 191 5.84 7.05 -30.50
CA LEU A 191 6.78 6.03 -30.08
C LEU A 191 7.49 5.39 -31.27
N THR A 192 8.69 4.89 -31.03
CA THR A 192 9.36 4.04 -32.00
C THR A 192 8.75 2.64 -31.97
N GLU A 193 9.27 1.74 -32.81
CA GLU A 193 8.51 0.54 -33.15
C GLU A 193 8.35 -0.43 -31.98
N LYS A 194 9.28 -0.43 -31.02
CA LYS A 194 9.09 -1.24 -29.81
C LYS A 194 8.87 -0.35 -28.58
N GLY A 195 8.26 0.82 -28.79
CA GLY A 195 8.14 1.81 -27.73
C GLY A 195 7.27 1.34 -26.56
N VAL A 196 7.51 1.97 -25.41
CA VAL A 196 6.85 1.62 -24.16
C VAL A 196 6.26 2.88 -23.56
N ILE A 197 5.07 2.76 -22.97
CA ILE A 197 4.49 3.85 -22.19
C ILE A 197 4.24 3.37 -20.77
N SER A 198 4.38 4.30 -19.82
CA SER A 198 3.79 4.13 -18.50
C SER A 198 2.94 5.35 -18.22
N THR A 199 1.76 5.13 -17.66
CA THR A 199 0.84 6.20 -17.34
CA THR A 199 0.82 6.19 -17.34
C THR A 199 0.32 5.99 -15.92
N GLN A 200 0.17 7.09 -15.20
CA GLN A 200 -0.49 7.00 -13.90
C GLN A 200 -1.92 6.52 -14.13
N ALA A 201 -2.37 5.56 -13.33
CA ALA A 201 -3.71 5.00 -13.45
C ALA A 201 -4.48 5.33 -12.16
N GLU A 202 -5.16 4.38 -11.53
CA GLU A 202 -5.90 4.68 -10.31
C GLU A 202 -5.51 3.68 -9.23
N SER A 203 -5.95 3.96 -8.00
CA SER A 203 -5.81 2.99 -6.92
C SER A 203 -6.83 1.88 -7.10
N MET A 204 -6.38 0.63 -7.00
CA MET A 204 -7.32 -0.45 -7.18
C MET A 204 -8.30 -0.58 -6.02
N TRP A 205 -8.02 0.04 -4.87
CA TRP A 205 -8.97 -0.06 -3.76
C TRP A 205 -10.23 0.77 -3.97
N ILE A 206 -10.21 1.80 -4.84
CA ILE A 206 -11.35 2.68 -4.95
C ILE A 206 -11.82 2.90 -6.39
N HIS A 207 -11.01 2.52 -7.38
CA HIS A 207 -11.41 2.81 -8.76
C HIS A 207 -11.09 1.66 -9.68
N LEU A 208 -11.36 0.44 -9.24
CA LEU A 208 -11.22 -0.72 -10.11
C LEU A 208 -12.00 -0.60 -11.43
N PRO A 209 -13.23 -0.07 -11.47
CA PRO A 209 -13.91 0.02 -12.77
C PRO A 209 -13.22 0.94 -13.77
N ILE A 210 -12.59 2.01 -13.29
CA ILE A 210 -11.82 2.88 -14.19
C ILE A 210 -10.58 2.16 -14.70
N ILE A 211 -9.90 1.42 -13.82
CA ILE A 211 -8.72 0.65 -14.25
C ILE A 211 -9.10 -0.35 -15.34
N LYS A 212 -10.21 -1.06 -15.15
CA LYS A 212 -10.66 -2.01 -16.16
C LYS A 212 -10.92 -1.30 -17.49
N GLU A 213 -11.58 -0.15 -17.45
CA GLU A 213 -11.83 0.64 -18.66
C GLU A 213 -10.51 1.14 -19.27
N LEU A 214 -9.60 1.59 -18.43
CA LEU A 214 -8.29 2.03 -18.93
C LEU A 214 -7.55 0.88 -19.61
N LYS A 215 -7.62 -0.31 -19.02
CA LYS A 215 -6.94 -1.47 -19.60
C LYS A 215 -7.54 -1.83 -20.95
N LYS A 216 -8.88 -1.75 -21.08
CA LYS A 216 -9.51 -2.02 -22.36
C LYS A 216 -9.06 -1.02 -23.42
N ALA A 217 -9.03 0.26 -23.08
CA ALA A 217 -8.61 1.30 -24.03
C ALA A 217 -7.17 1.10 -24.46
N CYS A 218 -6.29 0.78 -23.51
CA CYS A 218 -4.89 0.52 -23.87
C CYS A 218 -4.78 -0.68 -24.79
N LYS A 219 -5.57 -1.74 -24.53
CA LYS A 219 -5.49 -2.93 -25.37
C LYS A 219 -6.01 -2.69 -26.78
N GLU A 220 -6.81 -1.63 -26.98
CA GLU A 220 -7.21 -1.26 -28.33
C GLU A 220 -6.05 -0.73 -29.14
N VAL A 221 -4.99 -0.27 -28.48
CA VAL A 221 -3.88 0.40 -29.14
C VAL A 221 -2.62 -0.46 -29.13
N PHE A 222 -2.30 -1.07 -27.99
CA PHE A 222 -1.06 -1.79 -27.76
C PHE A 222 -1.30 -3.29 -27.60
N PRO A 223 -0.44 -4.13 -28.17
CA PRO A 223 -0.61 -5.59 -28.00
C PRO A 223 -0.19 -6.08 -26.62
N THR A 224 0.53 -5.27 -25.84
CA THR A 224 1.10 -5.70 -24.57
C THR A 224 0.72 -4.66 -23.51
N VAL A 225 -0.10 -5.05 -22.55
CA VAL A 225 -0.68 -4.11 -21.57
C VAL A 225 -0.70 -4.76 -20.20
N GLY A 226 -0.18 -4.05 -19.19
CA GLY A 226 -0.25 -4.55 -17.82
C GLY A 226 -0.52 -3.42 -16.84
N TYR A 227 -1.06 -3.80 -15.68
CA TYR A 227 -1.35 -2.86 -14.60
C TYR A 227 -0.47 -3.22 -13.42
N ALA A 228 0.31 -2.27 -12.94
CA ALA A 228 1.15 -2.44 -11.75
C ALA A 228 0.75 -1.40 -10.72
N TYR A 229 1.20 -1.57 -9.48
CA TYR A 229 0.93 -0.57 -8.45
C TYR A 229 2.16 -0.39 -7.54
N THR A 230 2.17 0.72 -6.81
CA THR A 230 3.21 0.97 -5.82
C THR A 230 2.57 1.60 -4.60
N THR A 231 3.25 1.51 -3.46
CA THR A 231 2.70 2.04 -2.22
C THR A 231 3.31 3.39 -1.92
N ILE A 232 2.47 4.30 -1.46
CA ILE A 232 2.82 5.70 -1.23
C ILE A 232 2.07 6.13 0.03
N PRO A 233 2.77 6.32 1.16
CA PRO A 233 2.07 6.47 2.44
C PRO A 233 1.30 7.78 2.57
N THR A 234 1.51 8.74 1.67
CA THR A 234 0.78 10.01 1.71
C THR A 234 -0.23 10.17 0.58
N TYR A 235 -0.45 9.13 -0.23
CA TYR A 235 -1.48 9.21 -1.25
C TYR A 235 -2.78 8.63 -0.71
N PRO A 236 -3.93 9.02 -1.27
CA PRO A 236 -5.20 8.39 -0.88
C PRO A 236 -5.15 6.89 -1.09
N THR A 237 -5.62 6.15 -0.09
CA THR A 237 -5.60 4.69 0.02
C THR A 237 -4.18 4.14 0.20
N GLY A 238 -3.17 5.00 0.14
CA GLY A 238 -1.80 4.56 0.36
C GLY A 238 -1.12 3.93 -0.84
N GLN A 239 -1.69 4.04 -2.03
CA GLN A 239 -1.10 3.44 -3.22
C GLN A 239 -1.71 4.06 -4.46
N ILE A 240 -1.08 3.78 -5.59
CA ILE A 240 -1.63 4.15 -6.89
C ILE A 240 -1.07 3.18 -7.91
N GLY A 241 -1.78 3.03 -9.02
CA GLY A 241 -1.40 2.10 -10.06
C GLY A 241 -0.91 2.82 -11.29
N PHE A 242 -0.37 2.02 -12.20
CA PHE A 242 0.19 2.46 -13.47
C PHE A 242 -0.23 1.50 -14.55
N MET A 243 -0.53 2.03 -15.74
CA MET A 243 -0.59 1.20 -16.94
C MET A 243 0.80 1.19 -17.55
N VAL A 244 1.28 0.00 -17.91
CA VAL A 244 2.56 -0.13 -18.60
C VAL A 244 2.27 -0.91 -19.87
N CYS A 245 2.54 -0.30 -21.02
CA CYS A 245 2.19 -0.91 -22.29
C CYS A 245 3.39 -0.88 -23.21
N SER A 246 3.44 -1.85 -24.13
CA SER A 246 4.47 -1.89 -25.14
C SER A 246 3.84 -2.11 -26.50
N LYS A 247 4.43 -1.47 -27.52
CA LYS A 247 4.06 -1.74 -28.90
C LYS A 247 4.56 -3.09 -29.38
N ASP A 248 5.49 -3.70 -28.66
CA ASP A 248 6.06 -4.98 -29.03
C ASP A 248 5.20 -6.08 -28.44
N ALA A 249 4.56 -6.88 -29.30
CA ALA A 249 3.78 -8.01 -28.81
C ALA A 249 4.65 -9.08 -28.16
N ASN A 250 5.95 -9.06 -28.40
CA ASN A 250 6.87 -10.10 -27.96
C ASN A 250 7.61 -9.74 -26.69
N VAL A 251 7.19 -8.71 -25.99
CA VAL A 251 7.76 -8.40 -24.68
C VAL A 251 6.68 -8.62 -23.64
N ASP A 252 7.11 -9.02 -22.46
CA ASP A 252 6.25 -9.14 -21.28
C ASP A 252 6.65 -8.00 -20.35
N VAL A 253 5.75 -7.02 -20.17
CA VAL A 253 6.08 -5.92 -19.28
C VAL A 253 6.06 -6.36 -17.82
N THR A 254 5.41 -7.48 -17.49
CA THR A 254 5.25 -7.88 -16.10
C THR A 254 6.50 -8.55 -15.53
N LYS A 255 7.48 -8.87 -16.36
CA LYS A 255 8.75 -9.39 -15.90
C LYS A 255 9.84 -8.54 -16.55
N PRO A 256 10.82 -8.06 -15.79
CA PRO A 256 11.71 -7.01 -16.32
C PRO A 256 12.54 -7.53 -17.49
N LEU A 257 12.42 -6.87 -18.64
CA LEU A 257 13.25 -7.23 -19.79
C LEU A 257 14.73 -7.00 -19.48
N ARG A 258 15.05 -5.89 -18.83
CA ARG A 258 16.42 -5.54 -18.48
C ARG A 258 16.52 -5.31 -16.99
N SER A 259 17.72 -5.49 -16.45
CA SER A 259 17.95 -5.27 -15.03
C SER A 259 19.41 -4.93 -14.84
N ILE A 260 19.73 -4.43 -13.65
CA ILE A 260 21.11 -4.22 -13.26
C ILE A 260 21.37 -5.12 -12.06
N SER A 261 22.65 -5.25 -11.70
CA SER A 261 23.01 -6.15 -10.62
C SER A 261 22.40 -5.68 -9.31
N GLU A 262 22.21 -6.63 -8.39
CA GLU A 262 21.62 -6.29 -7.10
C GLU A 262 22.45 -5.25 -6.36
N GLU A 263 23.78 -5.27 -6.53
CA GLU A 263 24.61 -4.25 -5.90
C GLU A 263 24.32 -2.87 -6.47
N GLU A 264 24.17 -2.77 -7.80
CA GLU A 264 23.84 -1.48 -8.39
C GLU A 264 22.44 -1.04 -8.00
N GLU A 265 21.51 -1.99 -7.87
CA GLU A 265 20.16 -1.66 -7.42
C GLU A 265 20.20 -1.02 -6.05
N GLU A 266 20.97 -1.60 -5.12
CA GLU A 266 21.05 -1.01 -3.80
C GLU A 266 21.76 0.35 -3.82
N ALA A 267 22.60 0.59 -4.82
CA ALA A 267 23.27 1.89 -4.93
C ALA A 267 22.34 2.96 -5.48
N LYS A 268 21.43 2.60 -6.40
CA LYS A 268 20.68 3.57 -7.21
C LYS A 268 19.21 3.72 -6.83
N TYR A 269 18.60 2.66 -6.31
CA TYR A 269 17.15 2.63 -6.12
C TYR A 269 16.82 2.43 -4.65
N ARG A 270 15.75 3.09 -4.19
CA ARG A 270 15.26 2.86 -2.84
C ARG A 270 13.99 2.03 -2.79
N TYR A 271 13.25 1.93 -3.88
CA TYR A 271 12.02 1.14 -3.92
C TYR A 271 12.08 0.07 -5.00
N TYR A 272 12.26 0.48 -6.25
CA TYR A 272 12.26 -0.44 -7.38
C TYR A 272 13.45 -1.40 -7.30
N ASN A 273 13.21 -2.63 -7.74
CA ASN A 273 14.28 -3.55 -8.12
C ASN A 273 13.66 -4.59 -9.02
N LYS A 274 14.48 -5.51 -9.52
CA LYS A 274 13.96 -6.49 -10.48
C LYS A 274 12.93 -7.42 -9.88
N LYS A 275 12.97 -7.65 -8.56
CA LYS A 275 11.98 -8.52 -7.96
C LYS A 275 10.67 -7.77 -7.72
N VAL A 276 10.79 -6.55 -7.21
CA VAL A 276 9.65 -5.65 -7.05
C VAL A 276 8.96 -5.39 -8.40
N HIS A 277 9.75 -5.29 -9.48
CA HIS A 277 9.13 -5.14 -10.81
C HIS A 277 8.10 -6.22 -11.04
N GLU A 278 8.49 -7.49 -10.85
CA GLU A 278 7.56 -8.60 -11.05
C GLU A 278 6.45 -8.59 -10.01
N ALA A 279 6.77 -8.31 -8.74
CA ALA A 279 5.76 -8.33 -7.70
C ALA A 279 4.70 -7.25 -7.90
N SER A 280 5.07 -6.12 -8.51
CA SER A 280 4.11 -5.00 -8.63
C SER A 280 2.95 -5.31 -9.58
N PHE A 281 3.06 -6.36 -10.40
CA PHE A 281 1.94 -6.80 -11.23
C PHE A 281 1.15 -7.94 -10.60
N VAL A 282 1.50 -8.36 -9.39
CA VAL A 282 0.79 -9.44 -8.72
C VAL A 282 -0.31 -8.79 -7.90
N LEU A 283 -1.54 -8.98 -8.31
CA LEU A 283 -2.64 -8.20 -7.76
C LEU A 283 -3.51 -9.06 -6.83
N PRO A 284 -4.17 -8.43 -5.85
CA PRO A 284 -5.11 -9.17 -5.00
C PRO A 284 -6.20 -9.83 -5.83
N THR A 285 -6.71 -10.95 -5.31
CA THR A 285 -7.58 -11.84 -6.10
C THR A 285 -8.75 -11.10 -6.75
N TRP A 286 -9.48 -10.28 -5.98
CA TRP A 286 -10.66 -9.61 -6.53
C TRP A 286 -10.29 -8.69 -7.68
N VAL A 287 -9.12 -8.05 -7.60
CA VAL A 287 -8.66 -7.16 -8.67
C VAL A 287 -8.25 -7.98 -9.89
N ALA A 288 -7.41 -8.99 -9.67
CA ALA A 288 -6.90 -9.80 -10.77
C ALA A 288 -8.04 -10.44 -11.55
N LYS A 289 -9.04 -10.97 -10.84
CA LYS A 289 -10.19 -11.60 -11.49
C LYS A 289 -10.94 -10.60 -12.36
N GLU A 290 -11.14 -9.38 -11.85
CA GLU A 290 -11.88 -8.37 -12.60
C GLU A 290 -11.09 -7.90 -13.83
N LEU A 291 -9.77 -7.77 -13.69
CA LEU A 291 -8.96 -7.27 -14.80
C LEU A 291 -8.63 -8.33 -15.83
N ASP A 292 -8.99 -9.59 -15.59
CA ASP A 292 -8.87 -10.62 -16.61
C ASP A 292 -10.19 -10.88 -17.32
N LEU A 293 -11.30 -10.38 -16.76
CA LEU A 293 -12.65 -10.55 -17.29
C LEU A 293 -12.78 -10.18 -18.77
N LEU B 4 -25.44 10.45 19.70
CA LEU B 4 -24.25 10.19 20.49
C LEU B 4 -23.10 11.08 20.05
N THR B 5 -22.07 11.18 20.87
CA THR B 5 -20.88 11.95 20.54
C THR B 5 -19.65 11.13 20.90
N HIS B 6 -18.51 11.49 20.31
CA HIS B 6 -17.25 10.85 20.65
C HIS B 6 -16.12 11.84 20.46
N PRO B 7 -15.10 11.82 21.32
CA PRO B 7 -13.99 12.77 21.15
C PRO B 7 -13.29 12.66 19.81
N THR B 8 -13.24 11.46 19.21
CA THR B 8 -12.55 11.28 17.95
C THR B 8 -13.33 11.81 16.74
N ILE B 9 -14.59 12.19 16.93
CA ILE B 9 -15.48 12.58 15.84
C ILE B 9 -15.86 14.05 16.05
N VAL B 10 -15.42 14.90 15.12
CA VAL B 10 -15.71 16.33 15.15
C VAL B 10 -16.17 16.75 13.76
N ASP B 11 -17.25 17.54 13.70
CA ASP B 11 -17.78 18.06 12.44
C ASP B 11 -17.98 16.94 11.42
N GLY B 12 -18.47 15.80 11.90
CA GLY B 12 -18.87 14.71 11.03
C GLY B 12 -17.74 13.84 10.49
N TRP B 13 -16.52 13.98 11.01
CA TRP B 13 -15.40 13.18 10.54
C TRP B 13 -14.69 12.54 11.72
N PHE B 14 -14.42 11.24 11.61
CA PHE B 14 -13.60 10.55 12.58
C PHE B 14 -12.14 10.77 12.25
N ARG B 15 -11.33 11.03 13.27
CA ARG B 15 -9.90 11.20 13.08
C ARG B 15 -9.17 10.30 14.08
N GLU B 16 -8.21 9.54 13.57
CA GLU B 16 -7.33 8.76 14.42
C GLU B 16 -5.92 9.32 14.33
N ILE B 17 -5.41 9.77 15.46
CA ILE B 17 -4.14 10.47 15.53
C ILE B 17 -3.30 9.78 16.58
N SER B 18 -2.00 9.71 16.33
CA SER B 18 -1.06 9.20 17.34
C SER B 18 0.29 9.80 17.05
N ASP B 19 0.76 10.67 17.95
CA ASP B 19 2.10 11.24 17.83
C ASP B 19 3.18 10.18 17.90
N THR B 20 2.90 9.03 18.52
CA THR B 20 3.90 7.98 18.59
C THR B 20 3.75 6.97 17.46
N MET B 21 2.53 6.53 17.18
CA MET B 21 2.33 5.47 16.20
C MET B 21 2.56 5.98 14.78
N TRP B 22 2.02 7.15 14.45
CA TRP B 22 2.11 7.71 13.09
C TRP B 22 2.38 9.20 13.20
N PRO B 23 3.60 9.57 13.58
CA PRO B 23 3.92 10.99 13.81
C PRO B 23 3.64 11.84 12.58
N GLY B 24 2.84 12.89 12.77
CA GLY B 24 2.64 13.89 11.74
C GLY B 24 1.71 13.53 10.61
N GLN B 25 0.95 12.44 10.74
CA GLN B 25 -0.06 12.10 9.76
C GLN B 25 -1.24 11.43 10.46
N ALA B 26 -2.40 11.49 9.81
CA ALA B 26 -3.59 10.88 10.38
C ALA B 26 -4.45 10.33 9.25
N MET B 27 -5.44 9.54 9.62
CA MET B 27 -6.44 9.05 8.70
C MET B 27 -7.77 9.59 9.19
N THR B 28 -8.60 10.08 8.27
CA THR B 28 -9.92 10.56 8.66
C THR B 28 -10.97 9.91 7.78
N LEU B 29 -12.13 9.66 8.38
CA LEU B 29 -13.22 8.97 7.71
C LEU B 29 -14.51 9.72 7.98
N ARG B 30 -15.30 9.91 6.94
CA ARG B 30 -16.55 10.65 7.09
C ARG B 30 -17.58 9.76 7.77
N VAL B 31 -18.25 10.32 8.79
CA VAL B 31 -19.16 9.58 9.66
C VAL B 31 -20.60 9.84 9.21
N GLU B 32 -21.32 8.77 8.91
CA GLU B 32 -22.76 8.91 8.69
C GLU B 32 -23.51 8.96 10.01
N LYS B 33 -23.19 8.06 10.93
CA LYS B 33 -23.90 7.99 12.20
C LYS B 33 -23.09 7.17 13.20
N ILE B 34 -23.01 7.65 14.44
CA ILE B 34 -22.44 6.85 15.52
C ILE B 34 -23.49 5.83 15.97
N LEU B 35 -23.09 4.57 16.03
CA LEU B 35 -24.02 3.49 16.35
C LEU B 35 -23.89 3.00 17.78
N HIS B 36 -22.73 3.13 18.40
CA HIS B 36 -22.51 2.50 19.69
C HIS B 36 -21.26 3.06 20.33
N HIS B 37 -21.34 3.33 21.62
CA HIS B 37 -20.17 3.73 22.39
C HIS B 37 -20.33 3.22 23.81
N GLU B 38 -19.34 2.49 24.30
CA GLU B 38 -19.35 2.02 25.67
C GLU B 38 -17.92 1.92 26.14
N LYS B 39 -17.75 2.02 27.46
CA LYS B 39 -16.48 1.75 28.11
C LYS B 39 -16.60 0.36 28.70
N SER B 40 -15.90 -0.60 28.12
CA SER B 40 -15.90 -1.96 28.64
C SER B 40 -15.04 -2.01 29.91
N LYS B 41 -14.85 -3.20 30.47
CA LYS B 41 -13.93 -3.33 31.59
C LYS B 41 -12.48 -3.06 31.20
N TYR B 42 -12.17 -3.05 29.91
CA TYR B 42 -10.79 -2.96 29.43
C TYR B 42 -10.50 -1.75 28.55
N GLN B 43 -11.47 -1.25 27.80
CA GLN B 43 -11.15 -0.27 26.77
C GLN B 43 -12.39 0.48 26.32
N ASP B 44 -12.14 1.57 25.59
CA ASP B 44 -13.19 2.34 24.95
C ASP B 44 -13.62 1.65 23.67
N VAL B 45 -14.93 1.47 23.49
CA VAL B 45 -15.48 0.72 22.37
C VAL B 45 -16.42 1.64 21.59
N LEU B 46 -16.06 1.93 20.33
CA LEU B 46 -16.82 2.83 19.48
C LEU B 46 -17.14 2.14 18.16
N VAL B 47 -18.40 2.19 17.74
CA VAL B 47 -18.79 1.75 16.41
C VAL B 47 -19.52 2.90 15.73
N PHE B 48 -19.11 3.24 14.52
CA PHE B 48 -19.88 4.18 13.73
C PHE B 48 -20.07 3.63 12.32
N LYS B 49 -21.18 4.03 11.72
CA LYS B 49 -21.39 3.81 10.30
C LYS B 49 -20.70 4.93 9.53
N SER B 50 -19.69 4.58 8.74
CA SER B 50 -19.05 5.56 7.88
C SER B 50 -19.89 5.74 6.61
N THR B 51 -19.69 6.87 5.92
CA THR B 51 -20.47 7.09 4.70
C THR B 51 -19.99 6.20 3.56
N ASP B 52 -18.71 5.81 3.54
CA ASP B 52 -18.19 5.12 2.37
C ASP B 52 -17.46 3.81 2.65
N TYR B 53 -17.22 3.44 3.91
CA TYR B 53 -16.48 2.21 4.20
C TYR B 53 -17.28 1.28 5.12
N GLY B 54 -18.61 1.46 5.20
CA GLY B 54 -19.42 0.59 6.04
C GLY B 54 -19.21 0.89 7.52
N ASN B 55 -19.57 -0.08 8.36
CA ASN B 55 -19.38 0.12 9.80
C ASN B 55 -17.90 0.05 10.16
N VAL B 56 -17.53 0.78 11.22
CA VAL B 56 -16.14 0.92 11.65
C VAL B 56 -16.08 0.63 13.15
N LEU B 57 -15.21 -0.29 13.53
CA LEU B 57 -14.94 -0.59 14.93
C LEU B 57 -13.67 0.12 15.38
N VAL B 58 -13.76 0.90 16.46
CA VAL B 58 -12.68 1.72 17.00
C VAL B 58 -12.46 1.34 18.46
N LEU B 59 -11.23 0.92 18.80
CA LEU B 59 -10.89 0.49 20.16
C LEU B 59 -9.80 1.40 20.72
N ASP B 60 -10.08 2.04 21.86
CA ASP B 60 -9.18 3.03 22.44
C ASP B 60 -8.71 4.03 21.37
N ASN B 61 -9.67 4.52 20.58
CA ASN B 61 -9.51 5.58 19.58
C ASN B 61 -8.71 5.16 18.35
N ALA B 62 -8.37 3.88 18.19
CA ALA B 62 -7.69 3.40 17.00
C ALA B 62 -8.63 2.52 16.18
N ILE B 63 -8.70 2.76 14.88
CA ILE B 63 -9.54 1.94 14.02
C ILE B 63 -9.04 0.50 14.07
N GLN B 64 -9.96 -0.43 14.26
CA GLN B 64 -9.63 -1.84 14.18
C GLN B 64 -9.98 -2.43 12.82
N VAL B 65 -11.20 -2.20 12.35
CA VAL B 65 -11.62 -2.67 11.04
C VAL B 65 -12.66 -1.72 10.49
N THR B 66 -12.78 -1.70 9.16
CA THR B 66 -13.97 -1.23 8.48
C THR B 66 -14.52 -2.39 7.65
N GLU B 67 -15.84 -2.43 7.49
CA GLU B 67 -16.45 -3.53 6.76
C GLU B 67 -15.95 -3.58 5.31
N ARG B 68 -15.58 -2.43 4.75
CA ARG B 68 -15.26 -2.40 3.33
C ARG B 68 -13.92 -3.07 3.03
N ASP B 69 -12.91 -2.84 3.87
CA ASP B 69 -11.56 -3.31 3.55
C ASP B 69 -10.99 -4.29 4.57
N GLU B 70 -11.79 -4.78 5.54
CA GLU B 70 -11.23 -5.66 6.56
C GLU B 70 -10.64 -6.92 5.96
N PHE B 71 -11.14 -7.37 4.81
CA PHE B 71 -10.77 -8.68 4.30
C PHE B 71 -9.28 -8.78 4.00
N SER B 72 -8.63 -7.67 3.64
CA SER B 72 -7.21 -7.74 3.32
C SER B 72 -6.39 -8.24 4.51
N TYR B 73 -6.54 -7.57 5.66
CA TYR B 73 -5.83 -7.98 6.86
C TYR B 73 -6.20 -9.40 7.28
N GLN B 74 -7.50 -9.68 7.41
CA GLN B 74 -7.89 -11.00 7.91
C GLN B 74 -7.34 -12.11 7.03
N GLU B 75 -7.43 -11.94 5.71
CA GLU B 75 -7.00 -13.00 4.82
C GLU B 75 -5.49 -13.17 4.86
N MET B 76 -4.74 -12.08 4.83
CA MET B 76 -3.28 -12.21 4.76
C MET B 76 -2.70 -12.75 6.07
N ILE B 77 -3.14 -12.21 7.21
CA ILE B 77 -2.58 -12.72 8.47
C ILE B 77 -2.93 -14.19 8.68
N ALA B 78 -4.11 -14.62 8.23
CA ALA B 78 -4.51 -16.01 8.44
C ALA B 78 -3.87 -16.95 7.42
N HIS B 79 -4.04 -16.69 6.13
CA HIS B 79 -3.67 -17.70 5.15
C HIS B 79 -2.17 -17.75 4.90
N LEU B 80 -1.44 -16.64 5.12
CA LEU B 80 0.02 -16.73 5.11
C LEU B 80 0.51 -17.80 6.07
N ALA B 81 -0.11 -17.88 7.26
CA ALA B 81 0.32 -18.87 8.25
C ALA B 81 -0.26 -20.25 7.96
N LEU B 82 -1.55 -20.33 7.67
CA LEU B 82 -2.19 -21.64 7.50
C LEU B 82 -1.61 -22.38 6.31
N ASN B 83 -1.24 -21.67 5.25
CA ASN B 83 -0.69 -22.35 4.09
C ASN B 83 0.81 -22.60 4.22
N SER B 84 1.40 -22.27 5.36
CA SER B 84 2.78 -22.62 5.70
C SER B 84 2.84 -23.81 6.64
N HIS B 85 1.70 -24.42 6.97
CA HIS B 85 1.70 -25.65 7.76
C HIS B 85 1.22 -26.81 6.90
N PRO B 86 1.83 -28.01 7.01
CA PRO B 86 1.44 -29.11 6.12
C PRO B 86 0.04 -29.64 6.35
N ASN B 87 -0.54 -29.47 7.55
CA ASN B 87 -1.85 -30.07 7.86
C ASN B 87 -2.37 -29.47 9.17
N PRO B 88 -2.79 -28.21 9.17
CA PRO B 88 -3.15 -27.56 10.44
C PRO B 88 -4.48 -28.08 10.95
N LYS B 89 -4.48 -28.64 12.15
CA LYS B 89 -5.68 -29.20 12.75
C LYS B 89 -6.23 -28.37 13.89
N LYS B 90 -5.37 -27.82 14.73
CA LYS B 90 -5.77 -26.95 15.83
C LYS B 90 -5.12 -25.59 15.62
N VAL B 91 -5.94 -24.55 15.55
CA VAL B 91 -5.47 -23.20 15.24
C VAL B 91 -5.99 -22.27 16.34
N LEU B 92 -5.19 -21.29 16.68
CA LEU B 92 -5.53 -20.31 17.71
C LEU B 92 -5.32 -18.91 17.14
N VAL B 93 -6.29 -18.03 17.39
CA VAL B 93 -6.09 -16.61 17.14
C VAL B 93 -6.19 -15.91 18.49
N ILE B 94 -5.20 -15.09 18.79
CA ILE B 94 -5.20 -14.28 20.00
C ILE B 94 -5.63 -12.88 19.61
N GLY B 95 -6.65 -12.37 20.29
CA GLY B 95 -7.16 -11.01 20.07
C GLY B 95 -8.13 -10.85 18.93
N GLY B 96 -8.70 -11.94 18.43
CA GLY B 96 -9.58 -11.95 17.25
C GLY B 96 -11.05 -11.75 17.55
N GLY B 97 -11.36 -10.83 18.46
CA GLY B 97 -12.74 -10.64 18.91
C GLY B 97 -13.72 -10.31 17.80
N ASP B 98 -13.27 -9.62 16.75
CA ASP B 98 -14.21 -9.26 15.69
C ASP B 98 -14.64 -10.46 14.83
N GLY B 99 -14.02 -11.63 14.99
CA GLY B 99 -14.44 -12.82 14.26
C GLY B 99 -13.84 -12.98 12.87
N GLY B 100 -13.11 -11.99 12.36
CA GLY B 100 -12.64 -12.03 10.99
C GLY B 100 -11.60 -13.11 10.73
N VAL B 101 -10.58 -13.18 11.60
CA VAL B 101 -9.56 -14.23 11.41
C VAL B 101 -10.20 -15.61 11.55
N LEU B 102 -11.14 -15.77 12.49
CA LEU B 102 -11.82 -17.07 12.62
C LEU B 102 -12.54 -17.43 11.32
N ARG B 103 -13.18 -16.44 10.69
CA ARG B 103 -13.85 -16.67 9.42
C ARG B 103 -12.89 -17.22 8.36
N GLU B 104 -11.65 -16.71 8.34
CA GLU B 104 -10.67 -17.21 7.38
C GLU B 104 -10.16 -18.59 7.76
N ILE B 105 -9.95 -18.85 9.05
CA ILE B 105 -9.43 -20.15 9.49
C ILE B 105 -10.34 -21.29 9.03
N VAL B 106 -11.64 -21.14 9.23
CA VAL B 106 -12.56 -22.26 8.99
C VAL B 106 -12.77 -22.51 7.50
N LYS B 107 -12.16 -21.68 6.64
CA LYS B 107 -12.14 -22.00 5.21
C LYS B 107 -11.26 -23.22 4.92
N HIS B 108 -10.36 -23.58 5.83
CA HIS B 108 -9.45 -24.69 5.62
C HIS B 108 -10.06 -25.98 6.18
N ASP B 109 -10.29 -26.95 5.30
CA ASP B 109 -11.03 -28.16 5.68
C ASP B 109 -10.31 -28.98 6.73
N SER B 110 -8.96 -29.00 6.69
CA SER B 110 -8.19 -29.78 7.65
C SER B 110 -8.38 -29.31 9.09
N VAL B 111 -8.79 -28.06 9.30
CA VAL B 111 -8.87 -27.53 10.65
C VAL B 111 -9.95 -28.29 11.42
N GLN B 112 -9.60 -28.76 12.61
CA GLN B 112 -10.54 -29.40 13.52
C GLN B 112 -11.07 -28.46 14.58
N GLU B 113 -10.23 -27.56 15.09
CA GLU B 113 -10.63 -26.62 16.13
C GLU B 113 -10.04 -25.25 15.81
N ALA B 114 -10.90 -24.24 15.78
CA ALA B 114 -10.48 -22.84 15.58
C ALA B 114 -10.72 -22.11 16.89
N TRP B 115 -9.66 -21.95 17.68
CA TRP B 115 -9.76 -21.33 18.99
C TRP B 115 -9.58 -19.83 18.89
N LEU B 116 -10.34 -19.10 19.71
CA LEU B 116 -10.10 -17.70 19.97
C LEU B 116 -9.76 -17.52 21.44
N CYS B 117 -8.73 -16.72 21.71
CA CYS B 117 -8.45 -16.22 23.05
C CYS B 117 -8.51 -14.70 22.98
N ASP B 118 -9.51 -14.11 23.64
CA ASP B 118 -9.66 -12.67 23.71
C ASP B 118 -10.05 -12.30 25.13
N ILE B 119 -9.64 -11.11 25.57
CA ILE B 119 -9.86 -10.73 26.95
C ILE B 119 -11.24 -10.09 27.16
N ASP B 120 -11.81 -9.50 26.11
CA ASP B 120 -12.93 -8.56 26.26
C ASP B 120 -14.19 -9.07 25.56
N GLU B 121 -15.13 -9.60 26.35
CA GLU B 121 -16.41 -10.06 25.81
C GLU B 121 -17.14 -8.97 25.06
N ALA B 122 -16.94 -7.70 25.45
CA ALA B 122 -17.66 -6.60 24.82
C ALA B 122 -17.33 -6.50 23.34
N VAL B 123 -16.08 -6.79 22.96
CA VAL B 123 -15.70 -6.72 21.55
C VAL B 123 -16.48 -7.76 20.75
N ILE B 124 -16.55 -8.99 21.28
CA ILE B 124 -17.29 -10.05 20.59
C ILE B 124 -18.75 -9.65 20.44
N ARG B 125 -19.33 -9.12 21.51
CA ARG B 125 -20.73 -8.74 21.49
C ARG B 125 -21.01 -7.67 20.44
N VAL B 126 -20.19 -6.61 20.40
CA VAL B 126 -20.49 -5.54 19.46
C VAL B 126 -20.17 -5.97 18.04
N SER B 127 -19.17 -6.85 17.85
CA SER B 127 -18.91 -7.35 16.51
C SER B 127 -20.06 -8.20 15.99
N LYS B 128 -20.67 -9.00 16.86
CA LYS B 128 -21.82 -9.80 16.42
C LYS B 128 -22.96 -8.90 15.94
N GLU B 129 -23.13 -7.74 16.59
CA GLU B 129 -24.21 -6.83 16.21
C GLU B 129 -23.88 -6.01 14.97
N TYR B 130 -22.66 -5.49 14.87
CA TYR B 130 -22.33 -4.48 13.87
C TYR B 130 -21.33 -4.91 12.80
N LEU B 131 -20.71 -6.08 12.93
CA LEU B 131 -19.80 -6.60 11.90
C LEU B 131 -20.24 -8.00 11.49
N PRO B 132 -21.46 -8.14 10.95
CA PRO B 132 -22.04 -9.47 10.78
C PRO B 132 -21.31 -10.34 9.78
N GLU B 133 -20.65 -9.76 8.79
CA GLU B 133 -19.89 -10.53 7.81
C GLU B 133 -18.54 -11.00 8.34
N MET B 134 -18.11 -10.48 9.48
CA MET B 134 -16.96 -11.01 10.19
C MET B 134 -17.39 -11.98 11.28
N ALA B 135 -18.32 -11.56 12.13
CA ALA B 135 -18.71 -12.33 13.30
C ALA B 135 -19.66 -13.48 12.99
N LYS B 136 -20.04 -13.67 11.72
CA LYS B 136 -20.73 -14.91 11.34
C LYS B 136 -19.89 -16.15 11.64
N SER B 137 -18.58 -15.99 11.81
CA SER B 137 -17.73 -17.14 12.11
C SER B 137 -18.10 -17.78 13.45
N TYR B 138 -18.67 -17.01 14.37
CA TYR B 138 -19.01 -17.58 15.67
C TYR B 138 -20.10 -18.63 15.58
N SER B 139 -20.82 -18.72 14.46
CA SER B 139 -21.80 -19.78 14.31
C SER B 139 -21.22 -21.04 13.70
N HIS B 140 -19.91 -21.04 13.40
CA HIS B 140 -19.30 -22.21 12.80
C HIS B 140 -19.01 -23.25 13.87
N PRO B 141 -19.36 -24.53 13.64
CA PRO B 141 -19.21 -25.54 14.69
C PRO B 141 -17.80 -25.71 15.21
N LYS B 142 -16.77 -25.42 14.41
CA LYS B 142 -15.40 -25.65 14.82
C LYS B 142 -14.84 -24.56 15.72
N VAL B 143 -15.57 -23.46 15.93
CA VAL B 143 -15.04 -22.31 16.65
C VAL B 143 -15.24 -22.51 18.13
N LYS B 144 -14.17 -22.25 18.90
CA LYS B 144 -14.17 -22.34 20.36
C LYS B 144 -13.60 -21.06 20.91
N THR B 145 -14.27 -20.46 21.89
CA THR B 145 -13.86 -19.16 22.41
C THR B 145 -13.47 -19.27 23.88
N HIS B 146 -12.27 -18.81 24.19
CA HIS B 146 -11.80 -18.69 25.56
C HIS B 146 -11.66 -17.21 25.90
N ILE B 147 -12.40 -16.76 26.92
CA ILE B 147 -12.26 -15.39 27.42
C ILE B 147 -11.22 -15.40 28.52
N GLY B 148 -10.15 -14.66 28.34
CA GLY B 148 -9.13 -14.66 29.37
C GLY B 148 -7.81 -14.15 28.82
N ASP B 149 -6.84 -14.16 29.71
CA ASP B 149 -5.51 -13.67 29.41
C ASP B 149 -4.83 -14.63 28.44
N GLY B 150 -4.40 -14.10 27.29
CA GLY B 150 -3.77 -14.95 26.30
C GLY B 150 -2.53 -15.64 26.82
N PHE B 151 -1.78 -14.96 27.68
CA PHE B 151 -0.50 -15.51 28.12
C PHE B 151 -0.69 -16.75 28.99
N GLN B 152 -1.74 -16.76 29.81
CA GLN B 152 -2.01 -17.92 30.66
C GLN B 152 -2.64 -19.07 29.88
N PHE B 153 -3.44 -18.77 28.86
CA PHE B 153 -3.94 -19.80 27.97
C PHE B 153 -2.79 -20.57 27.32
N LEU B 154 -1.78 -19.84 26.84
CA LEU B 154 -0.66 -20.48 26.17
C LEU B 154 0.13 -21.41 27.09
N ARG B 155 0.21 -21.09 28.39
CA ARG B 155 0.88 -22.02 29.31
C ARG B 155 0.08 -23.29 29.52
N ASP B 156 -1.25 -23.17 29.58
CA ASP B 156 -2.07 -24.35 29.79
C ASP B 156 -2.14 -25.25 28.55
N TYR B 157 -1.74 -24.73 27.39
CA TYR B 157 -1.85 -25.51 26.15
C TYR B 157 -0.49 -25.58 25.47
N GLN B 158 0.47 -26.18 26.14
CA GLN B 158 1.76 -26.43 25.53
C GLN B 158 1.61 -27.47 24.42
N ASN B 159 2.41 -27.30 23.37
CA ASN B 159 2.52 -28.30 22.30
C ASN B 159 1.12 -28.68 21.79
N THR B 160 0.29 -27.67 21.55
CA THR B 160 -1.10 -27.90 21.17
C THR B 160 -1.48 -27.35 19.80
N PHE B 161 -1.03 -26.16 19.42
CA PHE B 161 -1.52 -25.49 18.22
C PHE B 161 -0.57 -25.61 17.03
N ASP B 162 -1.11 -25.97 15.88
CA ASP B 162 -0.32 -26.01 14.66
C ASP B 162 -0.07 -24.62 14.11
N VAL B 163 -0.98 -23.69 14.37
CA VAL B 163 -0.88 -22.31 13.90
C VAL B 163 -1.39 -21.40 15.00
N ILE B 164 -0.65 -20.34 15.29
CA ILE B 164 -1.09 -19.32 16.23
C ILE B 164 -0.98 -17.97 15.54
N ILE B 165 -2.07 -17.21 15.54
CA ILE B 165 -2.17 -15.92 14.88
C ILE B 165 -2.41 -14.88 15.95
N THR B 166 -1.58 -13.83 15.99
CA THR B 166 -1.75 -12.77 16.97
C THR B 166 -2.37 -11.56 16.26
N ASP B 167 -3.68 -11.40 16.44
CA ASP B 167 -4.46 -10.30 15.85
C ASP B 167 -4.57 -9.22 16.92
N SER B 168 -3.48 -8.49 17.09
CA SER B 168 -3.35 -7.56 18.19
C SER B 168 -2.26 -6.57 17.81
N SER B 169 -2.50 -5.29 18.12
CA SER B 169 -1.54 -4.26 17.77
C SER B 169 -0.19 -4.57 18.38
N ASP B 170 0.85 -4.37 17.59
CA ASP B 170 2.21 -4.55 18.07
C ASP B 170 2.53 -3.45 19.09
N PRO B 171 2.76 -3.78 20.36
CA PRO B 171 3.15 -2.73 21.31
C PRO B 171 4.49 -2.14 20.91
N GLU B 172 4.66 -0.84 21.14
CA GLU B 172 5.73 -0.09 20.48
C GLU B 172 6.68 0.67 21.39
N GLY B 173 6.56 0.55 22.70
CA GLY B 173 7.48 1.24 23.59
C GLY B 173 8.76 0.47 23.83
N PRO B 174 9.65 1.06 24.62
CA PRO B 174 10.85 0.32 25.05
C PRO B 174 10.52 -0.95 25.81
N ALA B 175 9.36 -1.00 26.45
CA ALA B 175 8.95 -2.21 27.17
C ALA B 175 8.67 -3.34 26.20
N ALA B 176 7.87 -3.08 25.17
CA ALA B 176 7.60 -4.08 24.15
C ALA B 176 8.88 -4.54 23.48
N SER B 177 9.79 -3.62 23.20
CA SER B 177 11.04 -3.98 22.53
C SER B 177 11.78 -5.06 23.29
N LEU B 178 11.94 -4.87 24.60
CA LEU B 178 12.69 -5.83 25.39
C LEU B 178 11.96 -7.15 25.57
N PHE B 179 10.62 -7.14 25.49
CA PHE B 179 9.86 -8.36 25.76
C PHE B 179 9.42 -9.10 24.51
N GLN B 180 9.80 -8.64 23.32
CA GLN B 180 9.44 -9.35 22.10
C GLN B 180 9.86 -10.81 22.17
N GLN B 181 11.13 -11.05 22.50
CA GLN B 181 11.64 -12.42 22.49
C GLN B 181 10.89 -13.30 23.48
N SER B 182 10.59 -12.76 24.67
CA SER B 182 9.82 -13.50 25.66
C SER B 182 8.45 -13.90 25.14
N TYR B 183 7.79 -13.00 24.40
CA TYR B 183 6.48 -13.32 23.86
C TYR B 183 6.58 -14.40 22.79
N PHE B 184 7.57 -14.29 21.91
CA PHE B 184 7.73 -15.32 20.88
C PHE B 184 8.06 -16.67 21.49
N GLU B 185 8.81 -16.68 22.59
CA GLU B 185 9.12 -17.94 23.26
C GLU B 185 7.88 -18.55 23.90
N LEU B 186 6.97 -17.69 24.38
CA LEU B 186 5.69 -18.17 24.90
C LEU B 186 4.88 -18.85 23.82
N LEU B 187 4.78 -18.21 22.66
CA LEU B 187 4.12 -18.81 21.50
C LEU B 187 4.79 -20.12 21.11
N ASN B 188 6.12 -20.13 21.06
CA ASN B 188 6.85 -21.33 20.66
C ASN B 188 6.46 -22.54 21.51
N GLY B 189 6.27 -22.34 22.82
CA GLY B 189 5.92 -23.44 23.70
C GLY B 189 4.54 -24.04 23.43
N ALA B 190 3.61 -23.23 22.93
CA ALA B 190 2.25 -23.66 22.66
C ALA B 190 2.09 -24.27 21.27
N LEU B 191 3.10 -24.13 20.41
CA LEU B 191 3.06 -24.69 19.06
C LEU B 191 3.43 -26.16 19.07
N THR B 192 2.91 -26.89 18.10
CA THR B 192 3.36 -28.23 17.81
C THR B 192 4.67 -28.17 17.02
N GLU B 193 5.23 -29.35 16.69
CA GLU B 193 6.63 -29.41 16.27
C GLU B 193 6.92 -28.63 14.98
N LYS B 194 5.94 -28.53 14.07
CA LYS B 194 6.12 -27.71 12.88
C LYS B 194 5.23 -26.47 12.91
N GLY B 195 4.94 -25.97 14.11
CA GLY B 195 3.95 -24.90 14.25
C GLY B 195 4.38 -23.61 13.58
N VAL B 196 3.39 -22.82 13.19
CA VAL B 196 3.59 -21.57 12.47
C VAL B 196 2.91 -20.46 13.25
N ILE B 197 3.53 -19.28 13.29
CA ILE B 197 2.90 -18.10 13.85
C ILE B 197 2.83 -17.02 12.78
N SER B 198 1.80 -16.18 12.88
CA SER B 198 1.82 -14.89 12.18
C SER B 198 1.40 -13.86 13.20
N THR B 199 2.12 -12.74 13.23
CA THR B 199 1.83 -11.72 14.23
C THR B 199 1.74 -10.38 13.53
N GLN B 200 0.82 -9.54 13.96
CA GLN B 200 0.78 -8.18 13.45
C GLN B 200 2.09 -7.49 13.80
N ALA B 201 2.71 -6.86 12.81
CA ALA B 201 3.96 -6.14 13.03
C ALA B 201 3.70 -4.64 12.85
N GLU B 202 4.42 -4.00 11.94
CA GLU B 202 4.31 -2.55 11.73
C GLU B 202 4.34 -2.26 10.23
N SER B 203 4.06 -0.99 9.90
CA SER B 203 4.20 -0.52 8.52
C SER B 203 5.66 -0.22 8.23
N MET B 204 6.19 -0.78 7.14
CA MET B 204 7.59 -0.55 6.82
C MET B 204 7.88 0.88 6.42
N TRP B 205 6.85 1.67 6.11
CA TRP B 205 7.09 3.06 5.72
C TRP B 205 7.45 3.93 6.91
N ILE B 206 7.02 3.56 8.12
CA ILE B 206 7.18 4.42 9.28
C ILE B 206 7.90 3.75 10.44
N HIS B 207 8.02 2.42 10.47
CA HIS B 207 8.60 1.77 11.64
C HIS B 207 9.54 0.63 11.25
N LEU B 208 10.33 0.84 10.20
CA LEU B 208 11.34 -0.15 9.85
C LEU B 208 12.27 -0.51 11.02
N PRO B 209 12.68 0.42 11.90
CA PRO B 209 13.51 0.00 13.05
C PRO B 209 12.82 -1.00 13.97
N ILE B 210 11.51 -0.87 14.16
CA ILE B 210 10.79 -1.84 14.98
C ILE B 210 10.75 -3.19 14.29
N ILE B 211 10.53 -3.20 12.97
CA ILE B 211 10.49 -4.45 12.23
C ILE B 211 11.83 -5.17 12.30
N LYS B 212 12.92 -4.42 12.18
CA LYS B 212 14.24 -5.02 12.30
C LYS B 212 14.41 -5.66 13.66
N GLU B 213 13.98 -4.97 14.71
CA GLU B 213 14.01 -5.53 16.07
C GLU B 213 13.15 -6.78 16.16
N LEU B 214 11.94 -6.74 15.61
CA LEU B 214 11.08 -7.93 15.65
C LEU B 214 11.72 -9.10 14.92
N LYS B 215 12.31 -8.84 13.76
CA LYS B 215 12.97 -9.91 13.02
C LYS B 215 14.09 -10.53 13.83
N LYS B 216 14.87 -9.70 14.53
CA LYS B 216 15.97 -10.23 15.34
C LYS B 216 15.44 -11.10 16.49
N ALA B 217 14.40 -10.61 17.18
CA ALA B 217 13.81 -11.39 18.28
C ALA B 217 13.22 -12.70 17.79
N CYS B 218 12.55 -12.67 16.63
CA CYS B 218 12.00 -13.90 16.06
C CYS B 218 13.10 -14.90 15.73
N LYS B 219 14.24 -14.42 15.21
CA LYS B 219 15.29 -15.34 14.82
C LYS B 219 15.97 -15.99 16.02
N GLU B 220 15.85 -15.38 17.20
CA GLU B 220 16.36 -16.00 18.41
C GLU B 220 15.51 -17.20 18.82
N VAL B 221 14.28 -17.28 18.34
CA VAL B 221 13.33 -18.30 18.78
C VAL B 221 13.06 -19.34 17.69
N PHE B 222 12.90 -18.89 16.44
CA PHE B 222 12.46 -19.74 15.35
C PHE B 222 13.54 -19.85 14.28
N PRO B 223 13.70 -21.02 13.67
CA PRO B 223 14.67 -21.17 12.59
C PRO B 223 14.20 -20.60 11.27
N THR B 224 12.92 -20.26 11.14
CA THR B 224 12.33 -19.81 9.88
C THR B 224 11.54 -18.53 10.18
N VAL B 225 11.98 -17.40 9.63
CA VAL B 225 11.42 -16.09 9.96
C VAL B 225 11.28 -15.29 8.67
N GLY B 226 10.09 -14.70 8.45
CA GLY B 226 9.90 -13.81 7.32
C GLY B 226 9.02 -12.64 7.72
N TYR B 227 9.09 -11.56 6.93
CA TYR B 227 8.23 -10.39 7.09
C TYR B 227 7.46 -10.17 5.81
N ALA B 228 6.14 -10.06 5.93
CA ALA B 228 5.25 -9.87 4.80
C ALA B 228 4.36 -8.66 5.08
N TYR B 229 3.70 -8.15 4.06
CA TYR B 229 2.83 -7.00 4.28
C TYR B 229 1.60 -7.08 3.37
N THR B 230 0.58 -6.29 3.71
CA THR B 230 -0.63 -6.17 2.93
C THR B 230 -1.07 -4.73 2.92
N THR B 231 -1.92 -4.37 1.95
CA THR B 231 -2.38 -3.00 1.83
C THR B 231 -3.79 -2.88 2.38
N ILE B 232 -4.04 -1.77 3.06
CA ILE B 232 -5.27 -1.50 3.80
C ILE B 232 -5.55 -0.02 3.61
N PRO B 233 -6.54 0.36 2.82
CA PRO B 233 -6.68 1.78 2.44
C PRO B 233 -7.08 2.69 3.60
N THR B 234 -7.60 2.16 4.70
CA THR B 234 -8.01 3.00 5.82
C THR B 234 -6.98 3.05 6.94
N TYR B 235 -5.84 2.38 6.80
CA TYR B 235 -4.83 2.41 7.84
C TYR B 235 -3.79 3.48 7.52
N PRO B 236 -3.22 4.21 8.49
CA PRO B 236 -2.22 5.23 8.13
C PRO B 236 -1.03 4.58 7.47
N THR B 237 -0.54 5.23 6.41
CA THR B 237 0.46 4.78 5.44
C THR B 237 -0.12 3.79 4.44
N GLY B 238 -1.29 3.22 4.73
CA GLY B 238 -1.97 2.36 3.75
C GLY B 238 -1.55 0.91 3.77
N GLN B 239 -0.81 0.48 4.78
CA GLN B 239 -0.39 -0.91 4.83
C GLN B 239 0.08 -1.25 6.23
N ILE B 240 0.20 -2.55 6.47
CA ILE B 240 0.77 -3.07 7.70
C ILE B 240 1.44 -4.40 7.38
N GLY B 241 2.42 -4.77 8.19
CA GLY B 241 3.18 -5.98 7.98
C GLY B 241 2.93 -7.03 9.07
N PHE B 242 3.47 -8.21 8.82
CA PHE B 242 3.32 -9.36 9.71
C PHE B 242 4.66 -10.09 9.81
N MET B 243 4.99 -10.57 11.00
CA MET B 243 6.03 -11.59 11.12
C MET B 243 5.37 -12.95 10.87
N VAL B 244 5.98 -13.76 10.01
CA VAL B 244 5.51 -15.12 9.75
C VAL B 244 6.67 -16.05 10.04
N CYS B 245 6.53 -16.92 11.04
CA CYS B 245 7.65 -17.74 11.48
C CYS B 245 7.19 -19.18 11.65
N SER B 246 8.16 -20.09 11.59
CA SER B 246 7.85 -21.50 11.80
C SER B 246 8.91 -22.13 12.68
N LYS B 247 8.47 -23.09 13.51
CA LYS B 247 9.37 -23.93 14.26
C LYS B 247 10.11 -24.92 13.37
N ASP B 248 9.61 -25.17 12.17
CA ASP B 248 10.23 -26.11 11.25
C ASP B 248 11.31 -25.37 10.47
N ALA B 249 12.57 -25.72 10.71
CA ALA B 249 13.65 -25.18 9.89
C ALA B 249 13.51 -25.55 8.41
N ASN B 250 12.75 -26.59 8.07
CA ASN B 250 12.70 -27.07 6.70
C ASN B 250 11.66 -26.39 5.82
N VAL B 251 10.86 -25.47 6.35
CA VAL B 251 9.83 -24.85 5.53
C VAL B 251 10.30 -23.47 5.10
N ASP B 252 9.83 -23.01 3.94
CA ASP B 252 10.04 -21.65 3.46
C ASP B 252 8.67 -20.97 3.51
N VAL B 253 8.49 -20.07 4.47
CA VAL B 253 7.20 -19.40 4.60
C VAL B 253 6.95 -18.39 3.51
N THR B 254 7.98 -18.02 2.72
CA THR B 254 7.80 -17.00 1.69
C THR B 254 7.24 -17.56 0.39
N LYS B 255 7.22 -18.88 0.24
CA LYS B 255 6.56 -19.55 -0.85
C LYS B 255 5.52 -20.50 -0.28
N PRO B 256 4.27 -20.46 -0.74
CA PRO B 256 3.21 -21.20 -0.04
C PRO B 256 3.49 -22.70 -0.09
N LEU B 257 3.60 -23.31 1.09
CA LEU B 257 3.72 -24.75 1.16
C LEU B 257 2.50 -25.44 0.58
N ARG B 258 1.31 -24.87 0.79
CA ARG B 258 0.06 -25.44 0.30
C ARG B 258 -0.71 -24.37 -0.48
N SER B 259 -1.54 -24.81 -1.42
CA SER B 259 -2.36 -23.89 -2.18
C SER B 259 -3.56 -24.65 -2.73
N ILE B 260 -4.55 -23.90 -3.21
CA ILE B 260 -5.70 -24.47 -3.88
C ILE B 260 -5.75 -23.94 -5.32
N SER B 261 -6.66 -24.49 -6.10
CA SER B 261 -6.75 -24.09 -7.51
C SER B 261 -7.15 -22.62 -7.62
N GLU B 262 -6.77 -22.00 -8.74
CA GLU B 262 -7.13 -20.60 -8.99
C GLU B 262 -8.65 -20.41 -8.95
N GLU B 263 -9.40 -21.41 -9.44
CA GLU B 263 -10.86 -21.34 -9.38
C GLU B 263 -11.36 -21.33 -7.93
N GLU B 264 -10.85 -22.20 -7.07
CA GLU B 264 -11.37 -22.12 -5.71
C GLU B 264 -10.77 -20.95 -4.91
N GLU B 265 -9.58 -20.45 -5.31
CA GLU B 265 -9.12 -19.21 -4.71
C GLU B 265 -10.08 -18.08 -5.01
N GLU B 266 -10.62 -18.04 -6.22
CA GLU B 266 -11.54 -16.97 -6.59
C GLU B 266 -12.87 -17.09 -5.87
N ALA B 267 -13.25 -18.32 -5.49
CA ALA B 267 -14.47 -18.52 -4.72
C ALA B 267 -14.29 -18.23 -3.25
N LYS B 268 -13.06 -18.37 -2.73
CA LYS B 268 -12.83 -18.31 -1.29
C LYS B 268 -12.16 -17.03 -0.81
N TYR B 269 -11.32 -16.40 -1.64
CA TYR B 269 -10.50 -15.27 -1.22
C TYR B 269 -10.78 -14.05 -2.06
N ARG B 270 -10.73 -12.88 -1.43
CA ARG B 270 -10.79 -11.63 -2.17
C ARG B 270 -9.45 -10.92 -2.30
N TYR B 271 -8.48 -11.22 -1.44
CA TYR B 271 -7.16 -10.61 -1.52
C TYR B 271 -6.07 -11.68 -1.67
N TYR B 272 -5.99 -12.62 -0.74
CA TYR B 272 -4.94 -13.63 -0.75
C TYR B 272 -5.06 -14.56 -1.96
N ASN B 273 -3.91 -14.99 -2.48
CA ASN B 273 -3.82 -16.14 -3.38
C ASN B 273 -2.37 -16.61 -3.34
N LYS B 274 -2.07 -17.71 -4.03
CA LYS B 274 -0.74 -18.28 -3.91
C LYS B 274 0.34 -17.37 -4.49
N LYS B 275 -0.02 -16.53 -5.47
CA LYS B 275 0.95 -15.58 -6.03
C LYS B 275 1.16 -14.39 -5.11
N VAL B 276 0.06 -13.84 -4.58
CA VAL B 276 0.14 -12.77 -3.58
C VAL B 276 0.92 -13.23 -2.35
N HIS B 277 0.76 -14.50 -1.96
CA HIS B 277 1.55 -15.03 -0.86
C HIS B 277 3.03 -14.74 -1.08
N GLU B 278 3.56 -15.12 -2.26
CA GLU B 278 4.98 -14.89 -2.54
C GLU B 278 5.27 -13.41 -2.67
N ALA B 279 4.41 -12.67 -3.37
CA ALA B 279 4.73 -11.26 -3.61
C ALA B 279 4.75 -10.47 -2.30
N SER B 280 4.00 -10.92 -1.28
CA SER B 280 3.90 -10.14 -0.06
C SER B 280 5.19 -10.14 0.75
N PHE B 281 6.15 -11.00 0.43
CA PHE B 281 7.48 -10.98 1.03
C PHE B 281 8.51 -10.24 0.16
N VAL B 282 8.11 -9.73 -1.00
CA VAL B 282 9.01 -8.99 -1.88
C VAL B 282 8.97 -7.53 -1.48
N LEU B 283 10.08 -7.04 -0.92
CA LEU B 283 10.03 -5.74 -0.26
C LEU B 283 10.77 -4.68 -1.06
N PRO B 284 10.40 -3.42 -0.91
CA PRO B 284 11.15 -2.34 -1.58
C PRO B 284 12.61 -2.37 -1.15
N THR B 285 13.46 -1.89 -2.08
CA THR B 285 14.90 -2.08 -1.95
C THR B 285 15.45 -1.62 -0.60
N TRP B 286 15.03 -0.43 -0.13
CA TRP B 286 15.63 0.09 1.11
C TRP B 286 15.20 -0.76 2.31
N VAL B 287 13.99 -1.30 2.28
CA VAL B 287 13.54 -2.17 3.36
C VAL B 287 14.29 -3.50 3.32
N ALA B 288 14.33 -4.12 2.14
CA ALA B 288 15.00 -5.42 1.98
C ALA B 288 16.44 -5.35 2.46
N LYS B 289 17.15 -4.29 2.08
CA LYS B 289 18.56 -4.15 2.45
C LYS B 289 18.71 -4.00 3.96
N GLU B 290 17.80 -3.25 4.59
CA GLU B 290 17.87 -3.05 6.03
C GLU B 290 17.55 -4.33 6.81
N LEU B 291 16.66 -5.17 6.27
CA LEU B 291 16.27 -6.40 6.97
C LEU B 291 17.14 -7.59 6.60
N ASP B 292 18.07 -7.45 5.67
CA ASP B 292 18.97 -8.54 5.32
C ASP B 292 19.90 -8.88 6.49
#